data_5VF6
#
_entry.id   5VF6
#
_cell.length_a   97.232
_cell.length_b   97.232
_cell.length_c   61.260
_cell.angle_alpha   90.00
_cell.angle_beta   90.00
_cell.angle_gamma   120.00
#
_symmetry.space_group_name_H-M   'P 32 2 1'
#
loop_
_entity.id
_entity.type
_entity.pdbx_description
1 polymer 'single chain variable fragment'
2 water water
#
_entity_poly.entity_id   1
_entity_poly.type   'polypeptide(L)'
_entity_poly.pdbx_seq_one_letter_code
;ALTQPSSVSANPGGTVKITCSGSSSAYGYGWYQQKSPGSAPVTVIYNNNKRPSNIPSRFSGSKSGSTGTLTITGVQAEDE
AVYFCGSEDSSTDAIFGAGTTLTVLGQSSRSSSGGGSSGGGGSTVTLDESGGGLQAPGGALSLVCKASGFTFSSYDMGWI
RQAPGKGLEYVAGITDNGRYASYGSAVDGRATISRDNGQSSVRLQLNNLRAEDTGTYYCARDDGSGWTGNSIDAWGHGTE
VIVSENLYFQ
;
_entity_poly.pdbx_strand_id   A
#
# COMPACT_ATOMS: atom_id res chain seq x y z
N LEU A 2 -0.44 13.74 3.20
CA LEU A 2 0.05 13.16 4.45
C LEU A 2 1.50 13.53 4.69
N THR A 3 1.81 13.99 5.89
CA THR A 3 3.16 14.39 6.24
C THR A 3 3.72 13.45 7.30
N GLN A 4 4.81 12.76 6.97
CA GLN A 4 5.56 11.98 7.94
C GLN A 4 7.02 12.33 7.84
N PRO A 5 7.79 12.18 8.92
CA PRO A 5 9.20 12.57 8.89
C PRO A 5 10.02 11.75 7.90
N SER A 6 11.07 12.37 7.35
CA SER A 6 11.94 11.67 6.43
C SER A 6 12.61 10.47 7.11
N SER A 7 13.02 10.63 8.37
CA SER A 7 13.79 9.59 9.03
C SER A 7 13.62 9.70 10.54
N VAL A 8 13.76 8.55 11.20
CA VAL A 8 13.84 8.48 12.66
C VAL A 8 14.94 7.48 12.99
N SER A 9 15.56 7.65 14.15
CA SER A 9 16.62 6.74 14.58
C SER A 9 16.34 6.26 15.99
N ALA A 10 16.73 5.01 16.27
CA ALA A 10 16.62 4.47 17.61
C ALA A 10 17.60 3.32 17.78
N ASN A 11 18.01 3.07 19.04
CA ASN A 11 18.86 1.93 19.36
C ASN A 11 18.00 0.70 19.68
N PRO A 12 18.53 -0.52 19.51
CA PRO A 12 17.72 -1.71 19.79
C PRO A 12 17.21 -1.70 21.22
N GLY A 13 15.94 -2.11 21.37
CA GLY A 13 15.24 -2.07 22.65
C GLY A 13 14.51 -0.78 22.91
N GLY A 14 14.79 0.27 22.14
CA GLY A 14 14.15 1.54 22.35
C GLY A 14 12.73 1.55 21.84
N THR A 15 12.00 2.56 22.31
CA THR A 15 10.63 2.81 21.86
C THR A 15 10.66 3.95 20.87
N VAL A 16 10.29 3.68 19.63
CA VAL A 16 10.36 4.69 18.58
C VAL A 16 8.95 4.95 18.07
N LYS A 17 8.69 6.20 17.72
CA LYS A 17 7.39 6.65 17.24
C LYS A 17 7.55 7.32 15.90
N ILE A 18 6.60 7.07 15.00
CA ILE A 18 6.56 7.70 13.68
C ILE A 18 5.17 8.30 13.54
N THR A 19 5.12 9.60 13.26
CA THR A 19 3.85 10.29 13.13
C THR A 19 3.50 10.52 11.66
N CYS A 20 2.21 10.60 11.40
CA CYS A 20 1.69 10.88 10.07
C CYS A 20 0.53 11.85 10.24
N SER A 21 0.61 13.02 9.62
CA SER A 21 -0.37 14.09 9.82
C SER A 21 -1.13 14.32 8.52
N GLY A 22 -2.45 14.44 8.62
CA GLY A 22 -3.30 14.68 7.46
C GLY A 22 -4.06 16.00 7.53
N SER A 23 -5.01 16.22 6.62
CA SER A 23 -5.66 17.51 6.52
C SER A 23 -6.88 17.65 7.43
N SER A 24 -7.28 16.59 8.12
CA SER A 24 -8.40 16.64 9.04
C SER A 24 -8.29 15.46 10.00
N SER A 25 -9.23 15.41 10.95
CA SER A 25 -9.27 14.35 11.95
C SER A 25 -10.25 13.24 11.60
N ALA A 26 -10.75 13.20 10.35
CA ALA A 26 -11.84 12.32 10.02
C ALA A 26 -11.41 10.89 9.65
N TYR A 27 -10.17 10.71 9.21
CA TYR A 27 -9.76 9.45 8.59
C TYR A 27 -8.68 8.75 9.41
N GLY A 28 -8.47 7.46 9.13
CA GLY A 28 -7.58 6.61 9.88
C GLY A 28 -6.29 6.29 9.15
N TYR A 29 -5.45 5.47 9.81
CA TYR A 29 -4.08 5.28 9.37
C TYR A 29 -3.71 3.82 9.29
N GLY A 30 -2.95 3.48 8.24
CA GLY A 30 -2.30 2.20 8.08
C GLY A 30 -0.81 2.40 7.90
N TRP A 31 -0.03 1.38 8.22
CA TRP A 31 1.43 1.49 8.27
C TRP A 31 2.01 0.30 7.54
N TYR A 32 2.83 0.58 6.53
CA TYR A 32 3.30 -0.42 5.59
C TYR A 32 4.82 -0.40 5.59
N GLN A 33 5.42 -1.52 5.99
CA GLN A 33 6.87 -1.66 6.14
C GLN A 33 7.49 -2.16 4.84
N GLN A 34 8.49 -1.42 4.33
CA GLN A 34 9.19 -1.83 3.11
C GLN A 34 10.69 -1.89 3.41
N LYS A 35 11.24 -3.09 3.43
CA LYS A 35 12.62 -3.24 3.86
C LYS A 35 13.63 -2.85 2.79
N SER A 36 13.25 -2.88 1.51
CA SER A 36 14.11 -2.39 0.44
C SER A 36 13.20 -1.92 -0.68
N PRO A 37 13.64 -0.96 -1.50
CA PRO A 37 12.75 -0.40 -2.52
C PRO A 37 12.21 -1.42 -3.50
N GLY A 38 12.90 -2.55 -3.67
CA GLY A 38 12.41 -3.58 -4.58
C GLY A 38 11.66 -4.72 -3.93
N SER A 39 11.18 -4.53 -2.70
CA SER A 39 10.49 -5.59 -1.97
C SER A 39 9.04 -5.22 -1.68
N ALA A 40 8.19 -6.24 -1.64
CA ALA A 40 6.78 -6.01 -1.33
C ALA A 40 6.62 -5.43 0.07
N PRO A 41 5.72 -4.47 0.26
CA PRO A 41 5.44 -4.00 1.62
C PRO A 41 4.80 -5.09 2.46
N VAL A 42 4.88 -4.88 3.78
CA VAL A 42 4.18 -5.69 4.78
C VAL A 42 3.38 -4.77 5.67
N THR A 43 2.09 -5.07 5.84
CA THR A 43 1.27 -4.30 6.76
C THR A 43 1.65 -4.64 8.20
N VAL A 44 2.02 -3.62 8.99
CA VAL A 44 2.29 -3.88 10.41
C VAL A 44 1.12 -3.41 11.29
N ILE A 45 0.41 -2.37 10.86
CA ILE A 45 -0.76 -1.83 11.57
C ILE A 45 -1.72 -1.28 10.53
N TYR A 46 -3.02 -1.51 10.74
CA TYR A 46 -4.02 -0.92 9.85
C TYR A 46 -5.21 -0.45 10.69
N ASN A 47 -6.04 0.40 10.10
CA ASN A 47 -7.20 1.00 10.78
C ASN A 47 -6.83 1.52 12.17
N ASN A 48 -5.76 2.32 12.20
CA ASN A 48 -5.22 3.02 13.36
C ASN A 48 -4.48 2.11 14.33
N ASN A 49 -5.09 0.99 14.72
CA ASN A 49 -4.57 0.23 15.84
C ASN A 49 -4.72 -1.28 15.69
N LYS A 50 -5.13 -1.76 14.52
CA LYS A 50 -5.27 -3.20 14.32
C LYS A 50 -3.93 -3.79 13.91
N ARG A 51 -3.60 -4.94 14.50
CA ARG A 51 -2.33 -5.58 14.23
C ARG A 51 -2.59 -6.96 13.63
N PRO A 52 -2.09 -7.27 12.44
CA PRO A 52 -2.23 -8.63 11.92
C PRO A 52 -1.61 -9.63 12.90
N SER A 53 -2.18 -10.84 12.93
CA SER A 53 -1.79 -11.80 13.96
C SER A 53 -0.36 -12.30 13.79
N ASN A 54 0.23 -12.16 12.60
CA ASN A 54 1.61 -12.57 12.36
C ASN A 54 2.62 -11.46 12.60
N ILE A 55 2.17 -10.28 13.03
CA ILE A 55 3.06 -9.15 13.29
C ILE A 55 3.38 -9.13 14.79
N PRO A 56 4.64 -8.94 15.18
CA PRO A 56 5.00 -8.96 16.60
C PRO A 56 4.28 -7.88 17.39
N SER A 57 3.99 -8.19 18.66
CA SER A 57 3.21 -7.27 19.48
C SER A 57 3.96 -5.99 19.81
N ARG A 58 5.26 -5.89 19.52
CA ARG A 58 5.95 -4.62 19.75
C ARG A 58 5.45 -3.52 18.82
N PHE A 59 4.71 -3.86 17.76
CA PHE A 59 4.10 -2.85 16.88
C PHE A 59 2.72 -2.49 17.40
N SER A 60 2.46 -1.18 17.53
CA SER A 60 1.13 -0.71 17.89
C SER A 60 0.88 0.62 17.19
N GLY A 61 -0.38 1.02 17.13
CA GLY A 61 -0.74 2.25 16.49
C GLY A 61 -1.81 2.98 17.28
N SER A 62 -1.89 4.29 17.04
CA SER A 62 -2.90 5.12 17.66
C SER A 62 -3.18 6.32 16.76
N LYS A 63 -4.23 7.06 17.11
CA LYS A 63 -4.63 8.24 16.37
C LYS A 63 -5.06 9.30 17.37
N SER A 64 -4.70 10.55 17.09
CA SER A 64 -5.12 11.68 17.92
C SER A 64 -5.31 12.89 17.03
N GLY A 65 -6.56 13.35 16.91
CA GLY A 65 -6.84 14.48 16.04
C GLY A 65 -6.50 14.15 14.60
N SER A 66 -5.66 14.99 13.99
CA SER A 66 -5.30 14.83 12.59
C SER A 66 -3.99 14.06 12.40
N THR A 67 -3.54 13.32 13.42
CA THR A 67 -2.25 12.64 13.40
C THR A 67 -2.39 11.18 13.80
N GLY A 68 -1.82 10.28 13.00
CA GLY A 68 -1.64 8.89 13.39
C GLY A 68 -0.20 8.62 13.80
N THR A 69 -0.02 7.69 14.73
CA THR A 69 1.31 7.36 15.23
C THR A 69 1.51 5.86 15.24
N LEU A 70 2.59 5.40 14.62
CA LEU A 70 3.09 4.04 14.76
C LEU A 70 4.13 4.02 15.87
N THR A 71 3.97 3.09 16.82
CA THR A 71 4.92 2.95 17.92
C THR A 71 5.52 1.55 17.85
N ILE A 72 6.84 1.46 17.88
CA ILE A 72 7.53 0.17 18.02
C ILE A 72 8.17 0.19 19.40
N THR A 73 7.68 -0.66 20.30
CA THR A 73 8.12 -0.70 21.69
C THR A 73 9.11 -1.85 21.83
N GLY A 74 10.40 -1.52 21.82
CA GLY A 74 11.43 -2.54 21.81
C GLY A 74 11.92 -2.84 20.41
N VAL A 75 12.36 -1.80 19.69
CA VAL A 75 12.71 -1.97 18.29
C VAL A 75 13.88 -2.94 18.14
N GLN A 76 13.84 -3.71 17.05
CA GLN A 76 14.87 -4.69 16.72
C GLN A 76 15.50 -4.34 15.38
N ALA A 77 16.72 -4.84 15.17
CA ALA A 77 17.44 -4.56 13.93
C ALA A 77 16.61 -4.94 12.71
N GLU A 78 15.86 -6.04 12.79
CA GLU A 78 15.03 -6.49 11.67
C GLU A 78 13.90 -5.52 11.35
N ASP A 79 13.61 -4.56 12.23
CA ASP A 79 12.58 -3.56 11.93
C ASP A 79 13.10 -2.41 11.07
N GLU A 80 14.40 -2.34 10.82
CA GLU A 80 14.93 -1.30 9.95
C GLU A 80 14.29 -1.39 8.58
N ALA A 81 13.68 -0.29 8.12
CA ALA A 81 12.85 -0.28 6.93
C ALA A 81 12.34 1.13 6.69
N VAL A 82 11.75 1.34 5.52
CA VAL A 82 10.89 2.51 5.29
C VAL A 82 9.48 2.14 5.70
N TYR A 83 8.84 3.00 6.47
CA TYR A 83 7.44 2.82 6.85
C TYR A 83 6.61 3.88 6.16
N PHE A 84 5.64 3.44 5.35
CA PHE A 84 4.72 4.34 4.68
C PHE A 84 3.43 4.40 5.48
N CYS A 85 2.93 5.60 5.73
CA CYS A 85 1.57 5.71 6.25
C CYS A 85 0.60 5.85 5.08
N GLY A 86 -0.58 5.28 5.27
CA GLY A 86 -1.64 5.41 4.29
C GLY A 86 -2.92 5.80 4.97
N SER A 87 -3.75 6.53 4.22
CA SER A 87 -5.01 7.03 4.74
C SER A 87 -5.93 7.30 3.55
N GLU A 88 -6.92 8.15 3.76
CA GLU A 88 -7.82 8.60 2.71
C GLU A 88 -8.19 10.04 3.03
N ASP A 89 -8.75 10.72 2.04
CA ASP A 89 -9.33 12.03 2.30
C ASP A 89 -10.66 12.10 1.56
N SER A 90 -11.27 13.30 1.53
CA SER A 90 -12.60 13.42 0.96
C SER A 90 -12.61 13.26 -0.55
N SER A 91 -11.46 13.34 -1.22
CA SER A 91 -11.38 13.21 -2.67
C SER A 91 -10.89 11.85 -3.14
N THR A 92 -10.09 11.15 -2.33
CA THR A 92 -9.34 10.00 -2.81
C THR A 92 -9.39 8.90 -1.75
N ASP A 93 -9.64 7.66 -2.18
CA ASP A 93 -9.81 6.58 -1.21
C ASP A 93 -8.50 6.10 -0.62
N ALA A 94 -7.37 6.36 -1.28
CA ALA A 94 -6.08 5.92 -0.76
C ALA A 94 -5.03 6.98 -1.06
N ILE A 95 -4.43 7.52 -0.01
CA ILE A 95 -3.31 8.45 -0.10
C ILE A 95 -2.22 7.96 0.84
N PHE A 96 -0.98 8.36 0.53
CA PHE A 96 0.19 7.86 1.24
C PHE A 96 1.14 9.00 1.56
N GLY A 97 1.80 8.87 2.71
CA GLY A 97 2.93 9.73 3.02
C GLY A 97 4.15 9.31 2.23
N ALA A 98 5.20 10.13 2.31
CA ALA A 98 6.40 9.89 1.50
C ALA A 98 7.31 8.80 2.06
N GLY A 99 6.99 8.28 3.24
CA GLY A 99 7.83 7.24 3.82
C GLY A 99 8.79 7.78 4.86
N THR A 100 8.90 7.08 5.99
CA THR A 100 9.87 7.39 7.04
C THR A 100 10.89 6.28 7.08
N THR A 101 12.17 6.62 6.94
CA THR A 101 13.24 5.64 7.07
C THR A 101 13.57 5.47 8.54
N LEU A 102 13.39 4.27 9.07
CA LEU A 102 13.82 3.95 10.42
C LEU A 102 15.24 3.41 10.33
N THR A 103 16.19 4.09 10.97
CA THR A 103 17.54 3.58 11.12
C THR A 103 17.69 3.02 12.53
N VAL A 104 18.13 1.77 12.64
CA VAL A 104 18.41 1.16 13.93
C VAL A 104 19.91 1.31 14.19
N LEU A 105 20.24 2.02 15.25
CA LEU A 105 21.62 2.34 15.55
C LEU A 105 22.28 1.21 16.34
N GLY A 106 23.61 1.17 16.27
CA GLY A 106 24.37 0.26 17.11
C GLY A 106 24.22 -1.20 16.78
N GLN A 107 23.88 -1.54 15.54
CA GLN A 107 23.73 -2.93 15.14
C GLN A 107 25.07 -3.66 15.14
N VAL A 125 -2.43 -16.44 2.57
CA VAL A 125 -2.88 -15.41 1.62
C VAL A 125 -1.79 -15.12 0.60
N THR A 126 -2.10 -15.38 -0.67
CA THR A 126 -1.12 -15.25 -1.75
C THR A 126 -1.71 -14.40 -2.86
N LEU A 127 -0.99 -13.36 -3.26
CA LEU A 127 -1.35 -12.51 -4.38
C LEU A 127 -0.22 -12.57 -5.40
N ASP A 128 -0.54 -12.90 -6.65
CA ASP A 128 0.48 -13.26 -7.64
C ASP A 128 0.23 -12.47 -8.92
N GLU A 129 1.01 -11.39 -9.12
CA GLU A 129 0.82 -10.48 -10.24
C GLU A 129 1.62 -10.90 -11.46
N SER A 130 1.04 -10.64 -12.63
CA SER A 130 1.73 -10.82 -13.90
C SER A 130 1.26 -9.76 -14.87
N GLY A 131 1.96 -9.67 -16.01
CA GLY A 131 1.62 -8.75 -17.07
C GLY A 131 2.58 -7.59 -17.23
N GLY A 132 3.56 -7.46 -16.36
CA GLY A 132 4.55 -6.39 -16.49
C GLY A 132 5.35 -6.54 -17.76
N GLY A 133 6.10 -5.49 -18.07
CA GLY A 133 6.95 -5.52 -19.24
C GLY A 133 7.19 -4.12 -19.74
N LEU A 134 7.81 -4.07 -20.91
CA LEU A 134 8.15 -2.83 -21.59
C LEU A 134 7.03 -2.47 -22.57
N GLN A 135 6.65 -1.19 -22.58
CA GLN A 135 5.60 -0.70 -23.46
C GLN A 135 5.95 0.69 -23.95
N ALA A 136 5.41 1.05 -25.13
CA ALA A 136 5.64 2.38 -25.69
C ALA A 136 4.63 3.37 -25.13
N PRO A 137 4.99 4.65 -25.08
CA PRO A 137 4.00 5.66 -24.68
C PRO A 137 2.78 5.59 -25.59
N GLY A 138 1.60 5.75 -25.00
CA GLY A 138 0.37 5.66 -25.74
C GLY A 138 -0.21 4.26 -25.81
N GLY A 139 0.57 3.25 -25.44
CA GLY A 139 0.08 1.89 -25.38
C GLY A 139 -0.77 1.65 -24.15
N ALA A 140 -1.14 0.39 -23.96
CA ALA A 140 -1.99 0.00 -22.85
C ALA A 140 -1.38 -1.19 -22.13
N LEU A 141 -1.60 -1.19 -20.81
CA LEU A 141 -1.09 -2.20 -19.90
C LEU A 141 -2.24 -3.07 -19.42
N SER A 142 -2.01 -4.39 -19.32
CA SER A 142 -2.97 -5.31 -18.71
C SER A 142 -2.24 -6.13 -17.65
N LEU A 143 -2.55 -5.89 -16.38
CA LEU A 143 -1.96 -6.65 -15.28
C LEU A 143 -3.04 -7.55 -14.69
N VAL A 144 -2.64 -8.74 -14.27
CA VAL A 144 -3.56 -9.68 -13.62
C VAL A 144 -2.94 -10.12 -12.31
N CYS A 145 -3.77 -10.23 -11.29
CA CYS A 145 -3.36 -10.74 -9.99
C CYS A 145 -4.21 -11.97 -9.71
N LYS A 146 -3.54 -13.11 -9.53
CA LYS A 146 -4.20 -14.36 -9.15
C LYS A 146 -4.10 -14.51 -7.63
N ALA A 147 -5.25 -14.63 -6.98
CA ALA A 147 -5.33 -14.71 -5.53
C ALA A 147 -5.60 -16.14 -5.08
N SER A 148 -4.99 -16.52 -3.96
CA SER A 148 -5.31 -17.82 -3.37
C SER A 148 -5.12 -17.75 -1.86
N GLY A 149 -5.63 -18.77 -1.18
CA GLY A 149 -5.48 -18.85 0.26
C GLY A 149 -6.52 -18.12 1.07
N PHE A 150 -7.56 -17.58 0.44
CA PHE A 150 -8.65 -16.91 1.15
C PHE A 150 -9.86 -16.88 0.22
N THR A 151 -11.01 -16.51 0.78
CA THR A 151 -12.23 -16.41 0.00
C THR A 151 -12.19 -15.08 -0.75
N PHE A 152 -11.72 -15.14 -2.00
CA PHE A 152 -11.43 -13.94 -2.77
C PHE A 152 -12.66 -13.06 -2.91
N SER A 153 -13.82 -13.65 -3.15
CA SER A 153 -15.01 -12.87 -3.44
C SER A 153 -15.50 -12.06 -2.25
N SER A 154 -14.92 -12.24 -1.06
CA SER A 154 -15.37 -11.53 0.13
C SER A 154 -14.61 -10.24 0.39
N TYR A 155 -13.55 -9.94 -0.36
CA TYR A 155 -12.65 -8.84 -0.01
C TYR A 155 -12.52 -7.84 -1.15
N ASP A 156 -12.56 -6.56 -0.80
CA ASP A 156 -12.13 -5.51 -1.71
C ASP A 156 -10.66 -5.71 -2.08
N MET A 157 -10.30 -5.31 -3.30
CA MET A 157 -8.95 -5.49 -3.83
C MET A 157 -8.47 -4.21 -4.49
N GLY A 158 -7.15 -4.11 -4.69
CA GLY A 158 -6.64 -2.88 -5.29
C GLY A 158 -5.24 -3.04 -5.85
N TRP A 159 -4.80 -1.98 -6.52
CA TRP A 159 -3.47 -1.88 -7.09
C TRP A 159 -2.79 -0.63 -6.56
N ILE A 160 -1.55 -0.79 -6.09
CA ILE A 160 -0.68 0.27 -5.60
C ILE A 160 0.59 0.24 -6.43
N ARG A 161 1.13 1.40 -6.78
CA ARG A 161 2.35 1.39 -7.57
C ARG A 161 3.44 2.20 -6.90
N GLN A 162 4.66 2.04 -7.41
CA GLN A 162 5.82 2.71 -6.85
C GLN A 162 6.80 2.97 -7.99
N ALA A 163 6.98 4.24 -8.33
CA ALA A 163 7.98 4.62 -9.32
C ALA A 163 9.38 4.45 -8.74
N PRO A 164 10.40 4.25 -9.60
CA PRO A 164 11.77 4.11 -9.10
C PRO A 164 12.16 5.28 -8.22
N GLY A 165 12.65 4.95 -7.02
CA GLY A 165 13.08 5.96 -6.06
C GLY A 165 11.97 6.76 -5.40
N LYS A 166 10.70 6.43 -5.63
CA LYS A 166 9.57 7.18 -5.10
C LYS A 166 8.78 6.31 -4.14
N GLY A 167 7.68 6.85 -3.63
CA GLY A 167 6.86 6.16 -2.65
C GLY A 167 5.65 5.47 -3.25
N LEU A 168 4.79 4.98 -2.37
CA LEU A 168 3.58 4.29 -2.79
C LEU A 168 2.54 5.28 -3.32
N GLU A 169 1.79 4.86 -4.34
CA GLU A 169 0.76 5.67 -4.95
C GLU A 169 -0.45 4.81 -5.31
N TYR A 170 -1.64 5.34 -5.03
CA TYR A 170 -2.86 4.64 -5.36
C TYR A 170 -3.06 4.56 -6.87
N VAL A 171 -3.36 3.35 -7.37
CA VAL A 171 -3.79 3.18 -8.75
C VAL A 171 -5.30 2.94 -8.85
N ALA A 172 -5.80 1.86 -8.24
CA ALA A 172 -7.22 1.53 -8.39
C ALA A 172 -7.65 0.61 -7.27
N GLY A 173 -8.95 0.67 -6.93
CA GLY A 173 -9.54 -0.24 -5.96
C GLY A 173 -10.94 -0.63 -6.41
N ILE A 174 -11.38 -1.80 -5.96
CA ILE A 174 -12.67 -2.36 -6.38
C ILE A 174 -13.28 -3.12 -5.22
N THR A 175 -14.60 -3.03 -5.06
CA THR A 175 -15.25 -3.75 -3.97
C THR A 175 -15.32 -5.25 -4.27
N ASP A 176 -15.57 -6.00 -3.18
CA ASP A 176 -15.65 -7.46 -3.25
C ASP A 176 -16.56 -7.94 -4.37
N ASN A 177 -17.69 -7.28 -4.56
CA ASN A 177 -18.67 -7.68 -5.56
C ASN A 177 -18.54 -6.93 -6.87
N GLY A 178 -17.47 -6.14 -7.04
CA GLY A 178 -17.25 -5.43 -8.29
C GLY A 178 -18.15 -4.23 -8.53
N ARG A 179 -19.03 -3.88 -7.60
CA ARG A 179 -20.03 -2.86 -7.84
C ARG A 179 -19.44 -1.44 -7.86
N TYR A 180 -18.39 -1.18 -7.07
CA TYR A 180 -17.81 0.15 -7.02
C TYR A 180 -16.30 0.07 -7.24
N ALA A 181 -15.77 1.09 -7.90
CA ALA A 181 -14.35 1.23 -8.16
C ALA A 181 -13.93 2.68 -7.98
N SER A 182 -12.65 2.90 -7.67
CA SER A 182 -12.11 4.25 -7.64
C SER A 182 -10.64 4.20 -8.05
N TYR A 183 -10.07 5.38 -8.32
CA TYR A 183 -8.77 5.48 -8.99
C TYR A 183 -7.93 6.60 -8.37
N GLY A 184 -6.61 6.43 -8.47
CA GLY A 184 -5.71 7.50 -8.07
C GLY A 184 -5.76 8.64 -9.06
N SER A 185 -5.38 9.84 -8.59
CA SER A 185 -5.51 11.04 -9.41
C SER A 185 -4.72 10.93 -10.72
N ALA A 186 -3.50 10.38 -10.64
CA ALA A 186 -2.62 10.38 -11.80
C ALA A 186 -3.10 9.46 -12.92
N VAL A 187 -3.96 8.48 -12.61
CA VAL A 187 -4.46 7.54 -13.61
C VAL A 187 -5.94 7.67 -13.86
N ASP A 188 -6.67 8.48 -13.10
CA ASP A 188 -8.12 8.57 -13.27
C ASP A 188 -8.46 8.99 -14.69
N GLY A 189 -9.41 8.28 -15.30
CA GLY A 189 -9.75 8.46 -16.69
C GLY A 189 -9.00 7.57 -17.66
N ARG A 190 -7.90 6.95 -17.22
CA ARG A 190 -7.13 6.01 -18.02
C ARG A 190 -7.14 4.59 -17.49
N ALA A 191 -7.48 4.40 -16.22
CA ALA A 191 -7.41 3.10 -15.58
C ALA A 191 -8.79 2.48 -15.46
N THR A 192 -8.83 1.15 -15.59
CA THR A 192 -10.03 0.36 -15.29
C THR A 192 -9.62 -0.85 -14.47
N ILE A 193 -10.24 -1.03 -13.32
CA ILE A 193 -10.03 -2.22 -12.50
C ILE A 193 -11.26 -3.12 -12.65
N SER A 194 -11.03 -4.43 -12.68
CA SER A 194 -12.11 -5.41 -12.80
C SER A 194 -11.72 -6.65 -12.00
N ARG A 195 -12.69 -7.51 -11.74
CA ARG A 195 -12.35 -8.75 -11.05
C ARG A 195 -13.21 -9.88 -11.59
N ASP A 196 -12.69 -11.08 -11.42
CA ASP A 196 -13.36 -12.33 -11.80
C ASP A 196 -13.44 -13.17 -10.54
N ASN A 197 -14.62 -13.18 -9.89
CA ASN A 197 -14.73 -13.91 -8.64
C ASN A 197 -14.82 -15.41 -8.84
N GLY A 198 -15.01 -15.87 -10.07
CA GLY A 198 -14.95 -17.29 -10.35
C GLY A 198 -13.52 -17.80 -10.45
N GLN A 199 -12.65 -17.00 -11.08
CA GLN A 199 -11.25 -17.36 -11.25
C GLN A 199 -10.36 -16.79 -10.16
N SER A 200 -10.91 -16.03 -9.21
CA SER A 200 -10.15 -15.45 -8.09
C SER A 200 -9.01 -14.57 -8.59
N SER A 201 -9.35 -13.61 -9.45
CA SER A 201 -8.34 -12.71 -10.01
C SER A 201 -8.88 -11.29 -10.10
N VAL A 202 -7.97 -10.32 -10.01
CA VAL A 202 -8.30 -8.91 -10.23
C VAL A 202 -7.38 -8.41 -11.34
N ARG A 203 -7.91 -7.54 -12.19
CA ARG A 203 -7.19 -7.08 -13.37
C ARG A 203 -7.11 -5.56 -13.38
N LEU A 204 -5.99 -5.04 -13.87
CA LEU A 204 -5.79 -3.61 -14.08
C LEU A 204 -5.56 -3.39 -15.57
N GLN A 205 -6.36 -2.52 -16.16
CA GLN A 205 -6.11 -2.00 -17.50
C GLN A 205 -5.71 -0.53 -17.36
N LEU A 206 -4.58 -0.16 -17.94
CA LEU A 206 -4.14 1.24 -17.90
C LEU A 206 -3.85 1.66 -19.32
N ASN A 207 -4.62 2.62 -19.82
CA ASN A 207 -4.51 3.06 -21.20
C ASN A 207 -3.65 4.31 -21.31
N ASN A 208 -3.27 4.62 -22.55
CA ASN A 208 -2.46 5.77 -22.91
C ASN A 208 -1.27 5.96 -21.96
N LEU A 209 -0.41 4.94 -21.96
CA LEU A 209 0.68 4.89 -20.99
C LEU A 209 1.63 6.06 -21.19
N ARG A 210 2.13 6.60 -20.08
CA ARG A 210 3.09 7.68 -20.06
C ARG A 210 4.35 7.22 -19.36
N ALA A 211 5.45 7.92 -19.64
CA ALA A 211 6.72 7.59 -19.00
C ALA A 211 6.59 7.55 -17.48
N GLU A 212 5.78 8.46 -16.91
CA GLU A 212 5.60 8.50 -15.47
C GLU A 212 4.81 7.32 -14.93
N ASP A 213 4.29 6.44 -15.79
CA ASP A 213 3.64 5.23 -15.31
C ASP A 213 4.62 4.10 -15.01
N THR A 214 5.92 4.25 -15.31
CA THR A 214 6.77 3.11 -15.03
C THR A 214 7.01 2.99 -13.52
N GLY A 215 7.11 1.75 -13.09
CA GLY A 215 7.34 1.46 -11.69
C GLY A 215 6.89 0.04 -11.41
N THR A 216 6.90 -0.28 -10.11
CA THR A 216 6.42 -1.58 -9.66
C THR A 216 4.95 -1.47 -9.28
N TYR A 217 4.14 -2.41 -9.76
CA TYR A 217 2.70 -2.43 -9.50
C TYR A 217 2.39 -3.61 -8.60
N TYR A 218 1.76 -3.33 -7.45
CA TYR A 218 1.44 -4.33 -6.44
C TYR A 218 -0.06 -4.56 -6.37
N CYS A 219 -0.46 -5.81 -6.39
CA CYS A 219 -1.81 -6.19 -6.02
C CYS A 219 -1.92 -6.16 -4.50
N ALA A 220 -3.10 -5.75 -3.99
CA ALA A 220 -3.25 -5.61 -2.54
C ALA A 220 -4.68 -5.97 -2.14
N ARG A 221 -4.83 -6.45 -0.91
CA ARG A 221 -6.12 -6.85 -0.36
C ARG A 221 -6.52 -5.93 0.79
N ASP A 222 -7.81 -5.57 0.82
CA ASP A 222 -8.40 -4.90 1.96
C ASP A 222 -8.65 -5.89 3.09
N ASP A 223 -8.63 -5.38 4.34
CA ASP A 223 -8.85 -6.27 5.48
C ASP A 223 -10.28 -6.78 5.58
N GLY A 224 -11.23 -6.13 4.92
CA GLY A 224 -12.63 -6.43 5.04
C GLY A 224 -13.47 -5.24 5.44
N SER A 225 -12.84 -4.17 5.96
CA SER A 225 -13.59 -2.99 6.39
C SER A 225 -13.97 -2.07 5.23
N GLY A 226 -13.42 -2.29 4.04
CA GLY A 226 -13.70 -1.44 2.90
C GLY A 226 -12.43 -0.78 2.41
N TRP A 227 -12.09 -0.99 1.13
CA TRP A 227 -10.80 -0.54 0.62
C TRP A 227 -10.55 0.94 0.88
N THR A 228 -9.42 1.22 1.54
CA THR A 228 -8.89 2.56 1.78
C THR A 228 -7.38 2.45 1.89
N GLY A 229 -6.72 3.61 1.89
CA GLY A 229 -5.29 3.63 2.08
C GLY A 229 -4.86 3.17 3.45
N ASN A 230 -5.78 3.11 4.42
CA ASN A 230 -5.43 2.72 5.78
C ASN A 230 -5.88 1.32 6.15
N SER A 231 -6.45 0.53 5.22
CA SER A 231 -6.97 -0.78 5.58
C SER A 231 -6.41 -1.93 4.73
N ILE A 232 -5.26 -1.73 4.08
CA ILE A 232 -4.65 -2.78 3.27
C ILE A 232 -3.96 -3.78 4.20
N ASP A 233 -4.29 -5.07 4.09
CA ASP A 233 -3.67 -6.04 4.99
C ASP A 233 -2.86 -7.14 4.28
N ALA A 234 -2.79 -7.14 2.95
CA ALA A 234 -1.97 -8.12 2.23
C ALA A 234 -1.49 -7.52 0.93
N TRP A 235 -0.29 -7.94 0.51
CA TRP A 235 0.42 -7.37 -0.64
C TRP A 235 0.97 -8.49 -1.51
N GLY A 236 0.92 -8.32 -2.83
CA GLY A 236 1.57 -9.25 -3.73
C GLY A 236 3.07 -9.00 -3.82
N HIS A 237 3.72 -9.67 -4.77
CA HIS A 237 5.16 -9.49 -4.97
C HIS A 237 5.50 -8.36 -5.92
N GLY A 238 4.53 -7.81 -6.63
CA GLY A 238 4.82 -6.74 -7.57
C GLY A 238 5.17 -7.26 -8.95
N THR A 239 4.82 -6.47 -9.96
CA THR A 239 5.25 -6.72 -11.33
C THR A 239 5.72 -5.39 -11.91
N GLU A 240 6.77 -5.43 -12.72
CA GLU A 240 7.45 -4.21 -13.15
C GLU A 240 6.91 -3.74 -14.49
N VAL A 241 6.64 -2.44 -14.60
CA VAL A 241 6.16 -1.79 -15.82
C VAL A 241 7.18 -0.75 -16.21
N ILE A 242 7.65 -0.79 -17.46
CA ILE A 242 8.53 0.25 -18.01
C ILE A 242 7.87 0.82 -19.25
N VAL A 243 7.62 2.14 -19.25
CA VAL A 243 7.07 2.85 -20.40
C VAL A 243 8.21 3.65 -21.01
N SER A 244 8.58 3.33 -22.25
CA SER A 244 9.67 4.03 -22.92
C SER A 244 9.48 4.04 -24.44
#